data_1R7Z
#
_entry.id   1R7Z
#
_entity_poly.entity_id   1
_entity_poly.type   'polyribonucleotide'
_entity_poly.pdbx_seq_one_letter_code
;GGAGGACAUUCCUCACGGGUGACCGUGGUCCUCC
;
_entity_poly.pdbx_strand_id   A
#
loop_
_chem_comp.id
_chem_comp.type
_chem_comp.name
_chem_comp.formula
A RNA linking ADENOSINE-5'-MONOPHOSPHATE 'C10 H14 N5 O7 P'
C RNA linking CYTIDINE-5'-MONOPHOSPHATE 'C9 H14 N3 O8 P'
G RNA linking GUANOSINE-5'-MONOPHOSPHATE 'C10 H14 N5 O8 P'
U RNA linking URIDINE-5'-MONOPHOSPHATE 'C9 H13 N2 O9 P'
#